data_6YGJ
#
_entry.id   6YGJ
#
_cell.length_a   98.787
_cell.length_b   76.686
_cell.length_c   90.289
_cell.angle_alpha   90.000
_cell.angle_beta   119.220
_cell.angle_gamma   90.000
#
_symmetry.space_group_name_H-M   'C 1 2 1'
#
loop_
_entity.id
_entity.type
_entity.pdbx_description
1 polymer '14-3-3 protein beta/alpha'
2 polymer 'Carbohydrate-responsive element-binding protein'
3 polymer '14-3-3 protein beta/alpha'
4 non-polymer '[2-[2-oxidanylidene-2-(2-phenylethylamino)ethoxy]phenyl]phosphonic acid'
5 water water
#
loop_
_entity_poly.entity_id
_entity_poly.type
_entity_poly.pdbx_seq_one_letter_code
_entity_poly.pdbx_strand_id
1 'polypeptide(L)'
;DKSELVQKAKLAEQAERYDDMAAAMKAVTEQGHELSNEERNLLSVAYKNVVGARRSSWRVISSIEQKTERNEKKQQMGKE
YREKIEAELQDICNDVLELLDKYLIPNATQPESKVFYLKMKGDYFRYLSEVASGDNKQTTVSNSQQAYQEAFEISKKEMQ
PTHPIRLGLALNFSVFYYEILNSPEKACSLAKTAFDEAIAELDTLNEESYKDSTLIMQLLRDNLTLWTS
;
A
2 'polypeptide(L)' RDKIRLNNAIWRAWYIQYVQR B,I
3 'polypeptide(L)'
;TMDKSELVQKAKLAEQAERYDDMAAAMKAVTEQGHELSNEERNLLSVAYKNVVGARRSSWRVISSIEQKTERNEKKQQMG
KEYREKIEAELQDICNDVLELLDKYLIPNATQPESKVFYLKMKGDYFRYLSEVASGDNKQTTVSNSQQAYQEAFEISKKE
MQPTHPIRLGLALNFSVFYYEILNSPEKACSLAKTAFDEAIAELDTLNEESYKDSTLIMQLLRDNLTLWTS
;
F
#
# COMPACT_ATOMS: atom_id res chain seq x y z
N ASP A 1 -36.13 -4.07 27.21
CA ASP A 1 -36.49 -3.28 26.03
C ASP A 1 -35.25 -2.65 25.39
N LYS A 2 -35.07 -2.86 24.07
CA LYS A 2 -33.90 -2.35 23.37
C LYS A 2 -33.85 -0.83 23.42
N SER A 3 -34.93 -0.16 22.98
CA SER A 3 -35.02 1.29 23.04
C SER A 3 -34.61 1.80 24.44
N GLU A 4 -34.39 0.90 25.32
CA GLU A 4 -34.21 1.21 26.72
C GLU A 4 -32.84 0.96 27.30
N LEU A 5 -32.26 -0.22 27.05
CA LEU A 5 -30.80 -0.31 26.97
C LEU A 5 -30.27 0.98 26.37
N VAL A 6 -30.84 1.41 25.23
CA VAL A 6 -30.31 2.57 24.51
C VAL A 6 -30.38 3.82 25.37
N GLN A 7 -31.48 4.02 26.10
CA GLN A 7 -31.49 5.25 26.89
C GLN A 7 -30.74 5.12 28.22
N LYS A 8 -30.59 3.89 28.76
CA LYS A 8 -29.62 3.64 29.83
C LYS A 8 -28.22 4.07 29.38
N ALA A 9 -27.82 3.66 28.16
CA ALA A 9 -26.56 4.06 27.56
C ALA A 9 -26.41 5.57 27.54
N LYS A 10 -27.45 6.27 27.04
CA LYS A 10 -27.34 7.71 26.91
C LYS A 10 -27.20 8.38 28.27
N LEU A 11 -27.87 7.82 29.28
CA LEU A 11 -27.77 8.34 30.64
C LEU A 11 -26.38 8.06 31.21
N ALA A 12 -25.91 6.82 31.08
CA ALA A 12 -24.59 6.44 31.53
C ALA A 12 -23.54 7.32 30.86
N GLU A 13 -23.71 7.60 29.57
CA GLU A 13 -22.82 8.59 28.92
C GLU A 13 -22.77 9.92 29.65
N GLN A 14 -23.93 10.51 29.87
CA GLN A 14 -23.99 11.82 30.51
C GLN A 14 -23.28 11.81 31.86
N ALA A 15 -23.49 10.76 32.65
CA ALA A 15 -22.90 10.57 33.98
C ALA A 15 -21.42 10.11 33.95
N GLU A 16 -20.86 9.90 32.75
CA GLU A 16 -19.49 9.45 32.54
C GLU A 16 -19.23 8.12 33.20
N ARG A 17 -20.18 7.19 33.05
CA ARG A 17 -20.06 5.83 33.52
C ARG A 17 -20.02 4.97 32.27
N TYR A 18 -18.87 5.01 31.61
CA TYR A 18 -18.69 4.44 30.30
C TYR A 18 -18.76 2.91 30.32
N ASP A 19 -18.36 2.28 31.43
CA ASP A 19 -18.51 0.84 31.58
C ASP A 19 -19.98 0.43 31.52
N ASP A 20 -20.88 1.21 32.14
CA ASP A 20 -22.33 0.97 32.06
C ASP A 20 -22.81 1.13 30.62
N MET A 21 -22.40 2.23 29.98
CA MET A 21 -22.73 2.53 28.59
C MET A 21 -22.35 1.39 27.67
N ALA A 22 -21.13 0.86 27.82
CA ALA A 22 -20.68 -0.19 26.93
C ALA A 22 -21.48 -1.47 27.14
N ALA A 23 -21.74 -1.83 28.41
CA ALA A 23 -22.41 -3.10 28.71
C ALA A 23 -23.84 -3.07 28.19
N ALA A 24 -24.50 -1.90 28.31
CA ALA A 24 -25.79 -1.68 27.67
C ALA A 24 -25.71 -1.85 26.16
N MET A 25 -24.81 -1.11 25.49
CA MET A 25 -24.77 -1.24 24.03
C MET A 25 -24.31 -2.61 23.59
N LYS A 26 -23.55 -3.31 24.46
CA LYS A 26 -23.20 -4.69 24.17
C LYS A 26 -24.47 -5.56 24.17
N ALA A 27 -25.35 -5.32 25.13
CA ALA A 27 -26.59 -6.10 25.20
C ALA A 27 -27.51 -5.81 24.00
N VAL A 28 -27.63 -4.53 23.61
CA VAL A 28 -28.31 -4.16 22.37
C VAL A 28 -27.75 -4.91 21.19
N THR A 29 -26.43 -4.97 21.10
CA THR A 29 -25.79 -5.62 19.96
C THR A 29 -26.08 -7.12 19.95
N GLU A 30 -26.12 -7.74 21.13
CA GLU A 30 -26.37 -9.16 21.24
C GLU A 30 -27.81 -9.50 20.86
N GLN A 31 -28.71 -8.52 20.84
CA GLN A 31 -30.05 -8.72 20.27
C GLN A 31 -30.04 -8.95 18.76
N GLY A 32 -28.88 -9.05 18.13
CA GLY A 32 -28.78 -9.71 16.86
C GLY A 32 -29.11 -8.89 15.65
N HIS A 33 -29.78 -7.76 15.75
CA HIS A 33 -29.99 -7.07 14.49
C HIS A 33 -28.88 -6.07 14.16
N GLU A 34 -28.95 -5.58 12.91
CA GLU A 34 -28.21 -4.40 12.50
C GLU A 34 -28.50 -3.24 13.43
N LEU A 35 -27.46 -2.49 13.77
CA LEU A 35 -27.63 -1.35 14.62
C LEU A 35 -27.96 -0.12 13.79
N SER A 36 -28.90 0.66 14.30
CA SER A 36 -29.11 2.04 13.85
C SER A 36 -27.77 2.77 13.85
N ASN A 37 -27.65 3.84 13.05
CA ASN A 37 -26.40 4.60 13.02
C ASN A 37 -26.14 5.25 14.38
N GLU A 38 -27.19 5.48 15.16
CA GLU A 38 -27.08 6.13 16.44
C GLU A 38 -26.68 5.11 17.50
N GLU A 39 -27.25 3.91 17.44
CA GLU A 39 -26.82 2.83 18.31
C GLU A 39 -25.34 2.49 18.08
N ARG A 40 -24.92 2.45 16.81
CA ARG A 40 -23.56 2.16 16.40
C ARG A 40 -22.58 3.22 16.86
N ASN A 41 -23.01 4.48 16.83
CA ASN A 41 -22.20 5.55 17.36
C ASN A 41 -22.11 5.45 18.87
N LEU A 42 -23.20 5.12 19.56
CA LEU A 42 -23.10 4.95 21.00
C LEU A 42 -22.20 3.78 21.37
N LEU A 43 -22.29 2.66 20.66
CA LEU A 43 -21.45 1.52 21.00
C LEU A 43 -20.00 1.90 20.89
N SER A 44 -19.68 2.59 19.81
CA SER A 44 -18.32 2.88 19.46
C SER A 44 -17.72 3.87 20.48
N VAL A 45 -18.47 4.93 20.84
CA VAL A 45 -18.01 5.89 21.84
C VAL A 45 -17.82 5.21 23.20
N ALA A 46 -18.79 4.37 23.60
CA ALA A 46 -18.75 3.63 24.84
C ALA A 46 -17.44 2.86 24.96
N TYR A 47 -17.18 2.01 23.96
CA TYR A 47 -16.00 1.19 24.03
C TYR A 47 -14.72 1.99 23.80
N LYS A 48 -14.70 3.02 22.94
CA LYS A 48 -13.50 3.86 22.84
C LYS A 48 -13.07 4.43 24.19
N ASN A 49 -14.05 4.84 25.01
CA ASN A 49 -13.78 5.40 26.32
C ASN A 49 -13.34 4.33 27.32
N VAL A 50 -13.94 3.15 27.24
CA VAL A 50 -13.67 2.07 28.16
C VAL A 50 -12.25 1.55 27.92
N VAL A 51 -11.89 1.35 26.65
CA VAL A 51 -10.55 0.88 26.38
C VAL A 51 -9.52 2.02 26.55
N GLY A 52 -9.90 3.26 26.26
CA GLY A 52 -8.96 4.38 26.39
C GLY A 52 -8.58 4.67 27.83
N ALA A 53 -9.52 4.51 28.78
CA ALA A 53 -9.15 4.68 30.18
C ALA A 53 -8.03 3.72 30.56
N ARG A 54 -8.10 2.49 30.04
CA ARG A 54 -7.10 1.48 30.40
C ARG A 54 -5.78 1.71 29.68
N ARG A 55 -5.84 2.00 28.38
CA ARG A 55 -4.62 2.34 27.64
C ARG A 55 -3.89 3.55 28.25
N SER A 56 -4.66 4.53 28.73
CA SER A 56 -4.07 5.69 29.38
C SER A 56 -3.39 5.27 30.67
N SER A 57 -4.09 4.51 31.52
CA SER A 57 -3.50 3.98 32.73
C SER A 57 -2.23 3.20 32.41
N TRP A 58 -2.34 2.28 31.44
CA TRP A 58 -1.21 1.46 31.01
C TRP A 58 -0.03 2.34 30.62
N ARG A 59 -0.29 3.43 29.93
CA ARG A 59 0.79 4.34 29.53
C ARG A 59 1.43 5.02 30.73
N VAL A 60 0.60 5.48 31.66
CA VAL A 60 1.10 6.09 32.89
C VAL A 60 1.97 5.11 33.65
N ILE A 61 1.47 3.90 33.88
CA ILE A 61 2.26 2.94 34.63
C ILE A 61 3.57 2.69 33.89
N SER A 62 3.51 2.58 32.57
CA SER A 62 4.74 2.26 31.86
C SER A 62 5.76 3.38 31.92
N SER A 63 5.31 4.64 31.80
CA SER A 63 6.20 5.78 31.93
C SER A 63 6.89 5.77 33.30
N ILE A 64 6.12 5.48 34.36
CA ILE A 64 6.64 5.41 35.72
C ILE A 64 7.72 4.33 35.79
N GLU A 65 7.48 3.17 35.17
CA GLU A 65 8.43 2.06 35.23
C GLU A 65 9.80 2.42 34.64
N GLN A 66 9.82 3.11 33.49
CA GLN A 66 11.10 3.51 32.91
C GLN A 66 11.79 4.52 33.80
N LYS A 67 11.01 5.42 34.41
CA LYS A 67 11.56 6.47 35.23
C LYS A 67 12.18 5.94 36.52
N THR A 68 11.86 4.71 36.91
CA THR A 68 12.30 4.11 38.17
C THR A 68 12.53 5.15 39.24
N ASN A 71 15.86 0.20 42.59
CA ASN A 71 15.17 -0.66 43.56
C ASN A 71 14.29 -1.65 42.84
N GLU A 72 14.21 -2.86 43.39
CA GLU A 72 13.56 -3.99 42.74
C GLU A 72 12.12 -4.19 43.22
N LYS A 73 11.89 -4.25 44.54
CA LYS A 73 10.55 -4.56 45.03
C LYS A 73 9.55 -3.58 44.44
N LYS A 74 10.01 -2.36 44.17
CA LYS A 74 9.12 -1.41 43.59
C LYS A 74 8.95 -1.63 42.08
N GLN A 75 10.06 -1.82 41.39
CA GLN A 75 9.97 -2.08 39.96
C GLN A 75 9.08 -3.26 39.67
N GLN A 76 8.97 -4.20 40.61
CA GLN A 76 8.18 -5.41 40.40
C GLN A 76 6.69 -5.16 40.55
N MET A 77 6.31 -4.29 41.47
CA MET A 77 4.91 -3.93 41.62
C MET A 77 4.44 -3.02 40.50
N GLY A 78 5.34 -2.20 39.94
CA GLY A 78 5.09 -1.58 38.65
C GLY A 78 4.65 -2.57 37.60
N LYS A 79 5.41 -3.67 37.43
CA LYS A 79 5.07 -4.67 36.42
C LYS A 79 3.75 -5.38 36.76
N GLU A 80 3.61 -5.82 38.01
CA GLU A 80 2.35 -6.46 38.41
C GLU A 80 1.14 -5.54 38.19
N TYR A 81 1.27 -4.23 38.44
CA TYR A 81 0.09 -3.39 38.28
C TYR A 81 -0.21 -3.17 36.81
N ARG A 82 0.83 -3.05 35.98
CA ARG A 82 0.66 -2.96 34.54
C ARG A 82 -0.05 -4.19 33.97
N GLU A 83 0.33 -5.39 34.44
CA GLU A 83 -0.28 -6.64 33.99
C GLU A 83 -1.74 -6.74 34.40
N LYS A 84 -2.11 -6.21 35.56
CA LYS A 84 -3.53 -6.14 35.89
C LYS A 84 -4.27 -5.28 34.86
N ILE A 85 -3.67 -4.13 34.51
CA ILE A 85 -4.28 -3.27 33.49
C ILE A 85 -4.28 -3.98 32.13
N GLU A 86 -3.16 -4.64 31.79
CA GLU A 86 -3.11 -5.35 30.52
C GLU A 86 -4.26 -6.35 30.39
N ALA A 87 -4.58 -7.08 31.47
CA ALA A 87 -5.58 -8.15 31.36
C ALA A 87 -6.99 -7.58 31.22
N GLU A 88 -7.24 -6.37 31.79
CA GLU A 88 -8.53 -5.74 31.51
C GLU A 88 -8.60 -5.29 30.05
N LEU A 89 -7.51 -4.73 29.54
CA LEU A 89 -7.44 -4.33 28.13
C LEU A 89 -7.77 -5.51 27.23
N GLN A 90 -7.23 -6.69 27.55
CA GLN A 90 -7.47 -7.85 26.72
C GLN A 90 -8.92 -8.29 26.80
N ASP A 91 -9.51 -8.23 27.98
CA ASP A 91 -10.90 -8.59 28.13
C ASP A 91 -11.79 -7.56 27.39
N ILE A 92 -11.50 -6.25 27.48
CA ILE A 92 -12.31 -5.24 26.77
C ILE A 92 -12.28 -5.51 25.28
N CYS A 93 -11.07 -5.69 24.75
CA CYS A 93 -10.88 -5.81 23.31
C CYS A 93 -11.42 -7.11 22.77
N ASN A 94 -11.36 -8.19 23.57
CA ASN A 94 -11.89 -9.47 23.13
C ASN A 94 -13.39 -9.42 23.05
N ASP A 95 -14.02 -8.71 24.01
CA ASP A 95 -15.45 -8.51 24.02
C ASP A 95 -15.92 -7.82 22.74
N VAL A 96 -15.18 -6.78 22.33
CA VAL A 96 -15.54 -6.00 21.15
C VAL A 96 -15.28 -6.79 19.90
N LEU A 97 -14.13 -7.42 19.82
CA LEU A 97 -13.82 -8.22 18.65
C LEU A 97 -14.80 -9.39 18.49
N GLU A 98 -15.36 -9.90 19.59
CA GLU A 98 -16.35 -10.97 19.47
C GLU A 98 -17.68 -10.42 18.96
N LEU A 99 -18.08 -9.24 19.44
CA LEU A 99 -19.27 -8.60 18.87
C LEU A 99 -19.10 -8.30 17.38
N LEU A 100 -17.96 -7.71 17.03
CA LEU A 100 -17.63 -7.51 15.63
C LEU A 100 -17.74 -8.83 14.85
N ASP A 101 -17.15 -9.90 15.38
CA ASP A 101 -17.04 -11.11 14.57
C ASP A 101 -18.38 -11.84 14.41
N LYS A 102 -19.24 -11.76 15.42
CA LYS A 102 -20.43 -12.58 15.43
C LYS A 102 -21.69 -11.82 15.08
N TYR A 103 -21.73 -10.50 15.29
CA TYR A 103 -22.96 -9.74 15.10
C TYR A 103 -22.81 -8.56 14.15
N LEU A 104 -21.76 -7.75 14.29
CA LEU A 104 -21.79 -6.48 13.56
C LEU A 104 -21.27 -6.63 12.14
N ILE A 105 -20.17 -7.34 11.96
CA ILE A 105 -19.68 -7.51 10.60
C ILE A 105 -20.60 -8.45 9.81
N PRO A 106 -21.14 -9.55 10.39
CA PRO A 106 -22.02 -10.40 9.56
C PRO A 106 -23.33 -9.74 9.16
N ASN A 107 -23.94 -8.96 10.05
CA ASN A 107 -25.15 -8.20 9.77
C ASN A 107 -24.91 -6.91 8.98
N ALA A 108 -23.70 -6.65 8.52
CA ALA A 108 -23.40 -5.34 7.93
C ALA A 108 -23.79 -5.35 6.44
N THR A 109 -24.95 -4.77 6.12
CA THR A 109 -25.41 -4.76 4.73
C THR A 109 -24.82 -3.60 3.96
N GLN A 110 -25.04 -2.38 4.42
CA GLN A 110 -24.56 -1.22 3.67
C GLN A 110 -23.03 -1.19 3.65
N PRO A 111 -22.41 -0.88 2.51
CA PRO A 111 -20.94 -0.81 2.48
C PRO A 111 -20.31 0.12 3.53
N GLU A 112 -20.99 1.20 3.96
CA GLU A 112 -20.37 2.10 4.94
C GLU A 112 -20.29 1.47 6.32
N SER A 113 -21.22 0.54 6.61
CA SER A 113 -21.21 -0.23 7.84
C SER A 113 -20.03 -1.18 7.87
N LYS A 114 -19.84 -1.96 6.81
CA LYS A 114 -18.71 -2.89 6.76
C LYS A 114 -17.36 -2.17 6.92
N VAL A 115 -17.20 -0.99 6.35
CA VAL A 115 -15.96 -0.23 6.52
C VAL A 115 -15.77 0.17 7.99
N PHE A 116 -16.84 0.70 8.60
CA PHE A 116 -16.79 1.14 9.98
C PHE A 116 -16.39 0.02 10.92
N TYR A 117 -17.04 -1.15 10.79
CA TYR A 117 -16.75 -2.29 11.66
C TYR A 117 -15.40 -2.92 11.33
N LEU A 118 -15.02 -3.05 10.07
CA LEU A 118 -13.67 -3.52 9.79
C LEU A 118 -12.63 -2.56 10.35
N LYS A 119 -12.90 -1.25 10.29
CA LYS A 119 -11.99 -0.30 10.95
C LYS A 119 -11.96 -0.53 12.46
N MET A 120 -13.14 -0.69 13.08
CA MET A 120 -13.23 -0.99 14.50
C MET A 120 -12.42 -2.24 14.86
N LYS A 121 -12.44 -3.28 14.00
CA LYS A 121 -11.65 -4.49 14.24
C LYS A 121 -10.16 -4.23 14.10
N GLY A 122 -9.74 -3.44 13.10
CA GLY A 122 -8.36 -3.02 13.04
C GLY A 122 -7.93 -2.27 14.30
N ASP A 123 -8.78 -1.38 14.80
CA ASP A 123 -8.49 -0.61 15.99
C ASP A 123 -8.28 -1.52 17.21
N TYR A 124 -9.25 -2.38 17.52
CA TYR A 124 -9.17 -3.17 18.73
C TYR A 124 -8.09 -4.23 18.62
N PHE A 125 -7.83 -4.74 17.44
CA PHE A 125 -6.60 -5.49 17.27
C PHE A 125 -5.35 -4.59 17.37
N ARG A 126 -5.40 -3.32 16.95
CA ARG A 126 -4.25 -2.46 17.24
C ARG A 126 -4.06 -2.31 18.75
N TYR A 127 -5.15 -2.10 19.48
CA TYR A 127 -4.98 -1.92 20.93
C TYR A 127 -4.46 -3.19 21.60
N LEU A 128 -4.93 -4.37 21.17
CA LEU A 128 -4.29 -5.60 21.68
C LEU A 128 -2.81 -5.61 21.37
N SER A 129 -2.42 -5.27 20.13
CA SER A 129 -1.01 -5.27 19.79
C SER A 129 -0.14 -4.36 20.68
N GLU A 130 -0.67 -3.24 21.18
CA GLU A 130 0.19 -2.32 21.93
C GLU A 130 0.72 -2.94 23.23
N VAL A 131 0.16 -4.06 23.71
CA VAL A 131 0.54 -4.65 24.99
C VAL A 131 0.73 -6.17 24.86
N ALA A 132 0.77 -6.68 23.64
CA ALA A 132 0.96 -8.11 23.42
C ALA A 132 2.46 -8.42 23.34
N SER A 133 2.79 -9.69 23.54
CA SER A 133 4.17 -10.21 23.57
C SER A 133 4.31 -11.35 22.57
N GLY A 134 5.49 -11.47 21.96
CA GLY A 134 5.88 -12.71 21.28
C GLY A 134 4.95 -13.16 20.16
N ASP A 135 4.63 -14.47 20.15
CA ASP A 135 3.82 -15.04 19.08
C ASP A 135 2.49 -14.29 18.95
N ASN A 136 1.88 -13.97 20.09
CA ASN A 136 0.55 -13.35 20.07
C ASN A 136 0.58 -11.94 19.51
N LYS A 137 1.70 -11.23 19.68
CA LYS A 137 1.84 -9.92 19.05
C LYS A 137 1.78 -10.06 17.53
N GLN A 138 2.49 -11.02 16.96
CA GLN A 138 2.41 -11.17 15.52
C GLN A 138 1.00 -11.48 15.06
N THR A 139 0.24 -12.28 15.80
CA THR A 139 -1.13 -12.53 15.38
C THR A 139 -1.96 -11.24 15.42
N THR A 140 -1.85 -10.49 16.52
CA THR A 140 -2.67 -9.29 16.70
C THR A 140 -2.34 -8.24 15.66
N VAL A 141 -1.05 -8.04 15.39
CA VAL A 141 -0.62 -7.03 14.44
C VAL A 141 -1.08 -7.40 13.04
N SER A 142 -0.87 -8.68 12.68
CA SER A 142 -1.33 -9.15 11.38
C SER A 142 -2.84 -8.99 11.24
N ASN A 143 -3.59 -9.43 12.26
CA ASN A 143 -5.05 -9.31 12.15
C ASN A 143 -5.53 -7.85 12.08
N SER A 144 -4.81 -6.93 12.73
CA SER A 144 -5.17 -5.51 12.65
C SER A 144 -4.93 -4.97 11.24
N GLN A 145 -3.79 -5.32 10.63
CA GLN A 145 -3.55 -4.85 9.27
C GLN A 145 -4.54 -5.43 8.28
N GLN A 146 -4.84 -6.74 8.39
CA GLN A 146 -5.81 -7.36 7.51
C GLN A 146 -7.14 -6.61 7.55
N ALA A 147 -7.63 -6.32 8.77
CA ALA A 147 -8.90 -5.63 8.92
C ALA A 147 -8.84 -4.21 8.34
N TYR A 148 -7.80 -3.46 8.67
CA TYR A 148 -7.66 -2.10 8.13
C TYR A 148 -7.62 -2.13 6.60
N GLN A 149 -6.74 -2.96 6.03
CA GLN A 149 -6.63 -3.04 4.58
C GLN A 149 -7.96 -3.43 3.93
N GLU A 150 -8.63 -4.45 4.47
CA GLU A 150 -9.90 -4.82 3.86
C GLU A 150 -10.86 -3.65 3.89
N ALA A 151 -10.82 -2.85 4.95
CA ALA A 151 -11.66 -1.66 5.00
C ALA A 151 -11.18 -0.62 4.00
N PHE A 152 -9.86 -0.52 3.81
CA PHE A 152 -9.31 0.54 2.99
C PHE A 152 -9.46 0.28 1.50
N GLU A 153 -9.78 -0.95 1.11
CA GLU A 153 -10.09 -1.23 -0.28
C GLU A 153 -11.56 -1.01 -0.57
N ILE A 154 -12.45 -1.40 0.36
CA ILE A 154 -13.88 -1.06 0.19
C ILE A 154 -14.09 0.45 0.26
N SER A 155 -13.29 1.16 1.07
CA SER A 155 -13.41 2.61 1.20
C SER A 155 -13.17 3.33 -0.12
N LYS A 156 -12.28 2.79 -0.95
CA LYS A 156 -11.97 3.44 -2.21
C LYS A 156 -13.01 3.16 -3.29
N LYS A 157 -13.58 1.95 -3.28
CA LYS A 157 -14.52 1.54 -4.30
C LYS A 157 -15.94 2.04 -4.03
N GLU A 158 -16.23 2.49 -2.81
CA GLU A 158 -17.61 2.80 -2.44
C GLU A 158 -17.84 4.17 -1.81
N MET A 159 -16.81 4.96 -1.51
CA MET A 159 -17.03 6.22 -0.80
C MET A 159 -16.03 7.27 -1.27
N GLN A 160 -16.41 8.53 -1.11
CA GLN A 160 -15.56 9.58 -1.62
C GLN A 160 -14.51 9.97 -0.59
N PRO A 161 -13.45 10.66 -1.01
CA PRO A 161 -12.33 10.98 -0.10
C PRO A 161 -12.70 11.92 1.02
N THR A 162 -13.96 12.36 1.04
CA THR A 162 -14.48 13.28 2.04
C THR A 162 -15.40 12.62 3.04
N HIS A 163 -15.73 11.33 2.85
CA HIS A 163 -16.68 10.65 3.74
C HIS A 163 -16.01 10.51 5.12
N PRO A 164 -16.65 10.91 6.21
CA PRO A 164 -15.94 10.87 7.51
C PRO A 164 -15.53 9.46 7.94
N ILE A 165 -16.21 8.42 7.46
CA ILE A 165 -15.80 7.06 7.79
C ILE A 165 -14.56 6.69 7.00
N ARG A 166 -14.49 7.09 5.72
CA ARG A 166 -13.26 6.87 4.94
C ARG A 166 -12.11 7.67 5.54
N LEU A 167 -12.38 8.90 5.94
CA LEU A 167 -11.31 9.71 6.52
C LEU A 167 -10.83 9.14 7.85
N GLY A 168 -11.76 8.71 8.73
CA GLY A 168 -11.34 8.14 10.00
C GLY A 168 -10.52 6.89 9.83
N LEU A 169 -10.90 6.06 8.86
CA LEU A 169 -10.12 4.85 8.61
C LEU A 169 -8.71 5.21 8.18
N ALA A 170 -8.56 6.21 7.30
CA ALA A 170 -7.21 6.63 6.91
C ALA A 170 -6.43 7.15 8.12
N LEU A 171 -7.07 7.96 8.98
CA LEU A 171 -6.40 8.46 10.18
C LEU A 171 -5.86 7.32 11.02
N ASN A 172 -6.69 6.28 11.25
CA ASN A 172 -6.34 5.25 12.21
C ASN A 172 -5.35 4.29 11.60
N PHE A 173 -5.49 4.01 10.30
CA PHE A 173 -4.55 3.16 9.58
C PHE A 173 -3.16 3.79 9.56
N SER A 174 -3.10 5.11 9.34
CA SER A 174 -1.83 5.85 9.42
C SER A 174 -1.21 5.73 10.80
N VAL A 175 -2.01 5.83 11.88
CA VAL A 175 -1.47 5.61 13.22
C VAL A 175 -0.97 4.17 13.39
N PHE A 176 -1.69 3.21 12.82
CA PHE A 176 -1.23 1.83 12.88
C PHE A 176 0.16 1.69 12.26
N TYR A 177 0.36 2.22 11.05
CA TYR A 177 1.67 2.17 10.43
C TYR A 177 2.71 2.87 11.30
N TYR A 178 2.39 4.06 11.81
CA TYR A 178 3.36 4.81 12.58
C TYR A 178 3.64 4.14 13.93
N GLU A 179 2.60 3.77 14.66
CA GLU A 179 2.78 3.40 16.06
C GLU A 179 2.89 1.90 16.30
N ILE A 180 2.51 1.08 15.32
CA ILE A 180 2.52 -0.36 15.46
C ILE A 180 3.52 -1.00 14.53
N LEU A 181 3.45 -0.66 13.24
CA LEU A 181 4.42 -1.18 12.31
C LEU A 181 5.72 -0.40 12.35
N ASN A 182 5.72 0.77 13.00
CA ASN A 182 6.92 1.60 13.09
C ASN A 182 7.39 2.02 11.70
N SER A 183 6.42 2.33 10.81
CA SER A 183 6.68 2.76 9.44
C SER A 183 6.28 4.22 9.30
N PRO A 184 7.14 5.14 9.70
CA PRO A 184 6.76 6.58 9.59
C PRO A 184 6.44 7.00 8.17
N GLU A 185 7.17 6.48 7.19
CA GLU A 185 6.99 6.90 5.80
C GLU A 185 5.67 6.36 5.24
N LYS A 186 5.37 5.08 5.48
CA LYS A 186 4.05 4.57 5.06
C LYS A 186 2.92 5.30 5.81
N ALA A 187 3.16 5.66 7.08
CA ALA A 187 2.19 6.41 7.87
C ALA A 187 1.95 7.80 7.28
N CYS A 188 3.02 8.55 7.09
CA CYS A 188 2.93 9.94 6.67
C CYS A 188 2.38 10.09 5.27
N SER A 189 2.62 9.10 4.41
CA SER A 189 2.07 9.11 3.05
C SER A 189 0.59 8.76 3.02
N LEU A 190 0.20 7.68 3.71
CA LEU A 190 -1.23 7.37 3.86
C LEU A 190 -2.01 8.60 4.31
N ALA A 191 -1.48 9.32 5.32
CA ALA A 191 -2.22 10.44 5.89
C ALA A 191 -2.24 11.63 4.93
N LYS A 192 -1.08 11.97 4.36
CA LYS A 192 -1.03 13.06 3.39
C LYS A 192 -1.95 12.79 2.20
N THR A 193 -1.79 11.65 1.54
CA THR A 193 -2.68 11.30 0.44
C THR A 193 -4.13 11.57 0.83
N ALA A 194 -4.66 10.81 1.81
CA ALA A 194 -6.04 10.96 2.22
C ALA A 194 -6.40 12.42 2.51
N PHE A 195 -5.47 13.18 3.08
CA PHE A 195 -5.75 14.59 3.33
C PHE A 195 -5.83 15.37 2.01
N ASP A 196 -4.85 15.16 1.11
CA ASP A 196 -4.88 15.91 -0.17
C ASP A 196 -6.07 15.47 -1.02
N GLU A 197 -6.36 14.16 -1.07
CA GLU A 197 -7.50 13.69 -1.86
C GLU A 197 -8.81 14.33 -1.41
N ALA A 198 -8.97 14.62 -0.12
CA ALA A 198 -10.23 15.20 0.35
C ALA A 198 -10.25 16.70 0.18
N ILE A 199 -9.06 17.33 0.19
CA ILE A 199 -8.97 18.75 -0.16
C ILE A 199 -9.43 18.96 -1.60
N ALA A 200 -8.82 18.22 -2.55
CA ALA A 200 -9.07 18.33 -3.99
C ALA A 200 -10.50 17.94 -4.39
N GLU A 201 -11.37 17.82 -3.40
CA GLU A 201 -12.80 17.62 -3.62
C GLU A 201 -13.57 18.06 -2.38
N LEU A 202 -13.12 19.13 -1.72
CA LEU A 202 -13.89 19.69 -0.61
C LEU A 202 -15.32 19.94 -1.02
N ASP A 203 -15.52 20.33 -2.29
CA ASP A 203 -16.83 20.51 -2.90
C ASP A 203 -17.89 19.59 -2.32
N THR A 204 -17.51 18.33 -2.12
CA THR A 204 -18.43 17.20 -2.01
C THR A 204 -19.12 17.09 -0.65
N LEU A 205 -18.79 17.95 0.32
CA LEU A 205 -19.13 17.65 1.70
C LEU A 205 -20.55 18.10 2.01
N ASN A 206 -21.46 17.13 2.01
CA ASN A 206 -22.83 17.38 2.44
C ASN A 206 -22.82 18.09 3.78
N GLU A 207 -23.77 19.03 3.95
CA GLU A 207 -23.98 19.72 5.23
C GLU A 207 -23.69 18.76 6.38
N GLU A 208 -24.25 17.56 6.27
CA GLU A 208 -24.21 16.60 7.37
C GLU A 208 -22.81 16.09 7.66
N SER A 209 -21.95 16.00 6.64
CA SER A 209 -20.60 15.48 6.82
C SER A 209 -19.59 16.54 7.25
N TYR A 210 -19.89 17.82 7.02
CA TYR A 210 -18.89 18.88 7.10
C TYR A 210 -18.15 18.86 8.43
N LYS A 211 -18.89 18.96 9.54
CA LYS A 211 -18.26 19.04 10.86
C LYS A 211 -17.26 17.90 11.07
N ASP A 212 -17.71 16.66 10.85
CA ASP A 212 -16.93 15.49 11.23
C ASP A 212 -15.69 15.33 10.35
N SER A 213 -15.85 15.51 9.04
CA SER A 213 -14.77 15.25 8.11
C SER A 213 -13.66 16.30 8.26
N THR A 214 -14.05 17.55 8.55
CA THR A 214 -13.06 18.60 8.78
C THR A 214 -12.24 18.31 10.03
N LEU A 215 -12.88 17.85 11.12
CA LEU A 215 -12.12 17.46 12.31
C LEU A 215 -11.08 16.40 11.95
N ILE A 216 -11.50 15.36 11.25
CA ILE A 216 -10.58 14.27 10.92
C ILE A 216 -9.44 14.77 10.05
N MET A 217 -9.72 15.66 9.12
CA MET A 217 -8.59 16.21 8.32
C MET A 217 -7.70 17.12 9.13
N GLN A 218 -8.26 17.86 10.08
CA GLN A 218 -7.45 18.58 11.03
C GLN A 218 -6.56 17.63 11.80
N LEU A 219 -7.11 16.50 12.25
CA LEU A 219 -6.34 15.50 12.99
C LEU A 219 -5.25 14.87 12.10
N LEU A 220 -5.61 14.49 10.87
CA LEU A 220 -4.65 13.97 9.91
C LEU A 220 -3.50 14.95 9.70
N ARG A 221 -3.81 16.24 9.70
CA ARG A 221 -2.76 17.24 9.49
C ARG A 221 -1.99 17.47 10.77
N ASP A 222 -2.68 17.47 11.93
CA ASP A 222 -1.98 17.58 13.21
C ASP A 222 -0.99 16.43 13.34
N ASN A 223 -1.38 15.23 12.93
CA ASN A 223 -0.48 14.09 13.10
C ASN A 223 0.75 14.22 12.19
N LEU A 224 0.50 14.56 10.93
CA LEU A 224 1.60 14.76 9.97
C LEU A 224 2.56 15.84 10.46
N THR A 225 2.03 16.98 10.92
CA THR A 225 2.87 18.03 11.47
C THR A 225 3.74 17.50 12.60
N LEU A 226 3.16 16.67 13.47
CA LEU A 226 3.90 16.19 14.62
C LEU A 226 4.98 15.22 14.20
N TRP A 227 4.70 14.40 13.18
CA TRP A 227 5.59 13.34 12.76
C TRP A 227 6.74 13.85 11.87
N THR A 228 6.66 15.09 11.42
CA THR A 228 7.78 15.81 10.81
C THR A 228 8.28 16.83 11.83
N SER A 229 9.05 16.36 12.82
CA SER A 229 9.43 17.22 13.95
C SER A 229 10.89 17.05 14.30
N ARG B 1 -14.32 16.68 26.00
CA ARG B 1 -14.54 17.95 25.33
C ARG B 1 -14.25 17.87 23.83
N ASP B 2 -14.40 18.99 23.10
CA ASP B 2 -13.59 19.21 21.90
C ASP B 2 -12.28 19.85 22.37
N LYS B 3 -11.65 19.22 23.36
CA LYS B 3 -10.22 19.20 23.53
C LYS B 3 -9.61 18.11 22.67
N ILE B 4 -10.31 17.72 21.60
CA ILE B 4 -9.98 16.50 20.87
C ILE B 4 -8.64 16.63 20.17
N ARG B 5 -8.39 17.77 19.52
CA ARG B 5 -7.10 17.91 18.85
C ARG B 5 -5.98 17.93 19.87
N LEU B 6 -6.17 18.67 20.96
CA LEU B 6 -5.17 18.64 22.04
C LEU B 6 -4.98 17.23 22.58
N ASN B 7 -6.06 16.56 22.98
CA ASN B 7 -5.84 15.26 23.59
C ASN B 7 -5.20 14.31 22.62
N ASN B 8 -5.55 14.38 21.32
CA ASN B 8 -4.91 13.52 20.33
C ASN B 8 -3.43 13.83 20.15
N ALA B 9 -3.06 15.11 20.18
CA ALA B 9 -1.64 15.43 20.06
C ALA B 9 -0.90 14.87 21.25
N ILE B 10 -1.52 14.97 22.43
CA ILE B 10 -0.88 14.45 23.63
C ILE B 10 -0.69 12.97 23.49
N TRP B 11 -1.70 12.29 22.95
CA TRP B 11 -1.64 10.84 22.79
C TRP B 11 -0.57 10.43 21.79
N ARG B 12 -0.60 10.99 20.59
CA ARG B 12 0.46 10.65 19.61
C ARG B 12 1.86 11.01 20.10
N ALA B 13 2.01 12.10 20.82
CA ALA B 13 3.35 12.46 21.30
C ALA B 13 3.88 11.45 22.30
N TRP B 14 3.00 10.80 23.06
CA TRP B 14 3.46 9.82 24.03
C TRP B 14 4.28 8.75 23.37
N TYR B 15 3.74 8.17 22.32
CA TYR B 15 4.45 7.12 21.61
C TYR B 15 5.84 7.62 21.22
N ILE B 16 5.93 8.86 20.73
CA ILE B 16 7.23 9.40 20.30
C ILE B 16 8.17 9.49 21.49
N GLN B 17 7.74 10.13 22.58
CA GLN B 17 8.60 10.23 23.75
C GLN B 17 8.97 8.86 24.33
N TYR B 18 7.99 7.97 24.51
CA TYR B 18 8.23 6.76 25.29
C TYR B 18 8.50 5.54 24.42
N VAL B 19 8.80 5.75 23.14
CA VAL B 19 9.33 4.70 22.28
C VAL B 19 10.22 5.34 21.21
N GLN B 20 11.46 5.68 21.55
CA GLN B 20 12.33 6.46 20.67
C GLN B 20 12.81 5.66 19.46
N THR C 1 21.62 -27.84 -21.24
CA THR C 1 22.34 -28.97 -20.67
C THR C 1 23.78 -28.61 -20.27
N MET C 2 24.02 -27.39 -19.78
CA MET C 2 25.40 -26.94 -19.66
C MET C 2 25.60 -26.02 -18.45
N ASP C 3 26.70 -25.25 -18.49
CA ASP C 3 27.39 -24.54 -17.41
C ASP C 3 27.22 -23.03 -17.55
N LYS C 4 27.20 -22.34 -16.39
CA LYS C 4 26.91 -20.90 -16.35
C LYS C 4 27.70 -20.14 -17.42
N SER C 5 29.02 -20.29 -17.40
CA SER C 5 29.85 -19.58 -18.37
C SER C 5 29.38 -19.84 -19.79
N GLU C 6 28.95 -21.08 -20.06
CA GLU C 6 28.51 -21.44 -21.40
C GLU C 6 27.19 -20.76 -21.75
N LEU C 7 26.21 -20.85 -20.86
CA LEU C 7 24.89 -20.30 -21.14
C LEU C 7 24.93 -18.77 -21.21
N VAL C 8 25.62 -18.14 -20.26
CA VAL C 8 25.79 -16.69 -20.29
C VAL C 8 26.35 -16.27 -21.61
N GLN C 9 27.11 -17.11 -22.22
CA GLN C 9 27.75 -16.62 -23.39
C GLN C 9 27.05 -16.92 -24.70
N LYS C 10 26.26 -17.96 -24.76
CA LYS C 10 25.29 -18.05 -25.83
C LYS C 10 24.22 -16.97 -25.67
N ALA C 11 23.97 -16.49 -24.43
CA ALA C 11 23.03 -15.39 -24.24
C ALA C 11 23.53 -14.12 -24.93
N LYS C 12 24.81 -13.79 -24.74
CA LYS C 12 25.39 -12.67 -25.44
C LYS C 12 25.36 -12.85 -26.96
N LEU C 13 25.75 -14.03 -27.47
CA LEU C 13 25.67 -14.26 -28.90
C LEU C 13 24.20 -14.14 -29.41
N ALA C 14 23.25 -14.70 -28.68
CA ALA C 14 21.83 -14.58 -29.06
C ALA C 14 21.41 -13.12 -29.11
N GLU C 15 21.84 -12.34 -28.12
CA GLU C 15 21.59 -10.90 -28.16
C GLU C 15 22.09 -10.27 -29.47
N GLN C 16 23.37 -10.46 -29.80
CA GLN C 16 23.90 -9.89 -31.04
C GLN C 16 23.14 -10.40 -32.26
N ALA C 17 22.67 -11.65 -32.25
CA ALA C 17 21.95 -12.18 -33.42
C ALA C 17 20.48 -11.84 -33.39
N GLU C 18 20.15 -10.97 -32.46
CA GLU C 18 18.79 -10.61 -32.04
C GLU C 18 17.82 -11.81 -32.05
N ARG C 19 18.19 -12.85 -31.31
CA ARG C 19 17.32 -14.02 -31.07
C ARG C 19 17.04 -13.96 -29.57
N TYR C 20 16.13 -13.06 -29.21
CA TYR C 20 15.89 -12.78 -27.82
C TYR C 20 15.20 -13.93 -27.09
N ASP C 21 14.35 -14.73 -27.79
CA ASP C 21 13.80 -15.98 -27.20
C ASP C 21 14.94 -16.89 -26.75
N ASP C 22 15.91 -17.18 -27.63
CA ASP C 22 17.12 -17.89 -27.24
C ASP C 22 17.82 -17.21 -26.04
N MET C 23 17.92 -15.88 -26.08
CA MET C 23 18.65 -15.20 -25.02
C MET C 23 17.98 -15.39 -23.67
N ALA C 24 16.65 -15.22 -23.62
CA ALA C 24 15.92 -15.40 -22.37
C ALA C 24 15.97 -16.85 -21.89
N ALA C 25 15.81 -17.83 -22.80
CA ALA C 25 15.97 -19.24 -22.41
C ALA C 25 17.35 -19.50 -21.80
N ALA C 26 18.39 -18.86 -22.35
CA ALA C 26 19.73 -19.03 -21.79
C ALA C 26 19.82 -18.52 -20.37
N MET C 27 19.27 -17.33 -20.12
CA MET C 27 19.41 -16.76 -18.79
C MET C 27 18.40 -17.32 -17.78
N LYS C 28 17.25 -17.79 -18.24
CA LYS C 28 16.39 -18.55 -17.34
C LYS C 28 17.15 -19.73 -16.75
N ALA C 29 17.90 -20.45 -17.59
CA ALA C 29 18.61 -21.64 -17.16
C ALA C 29 19.68 -21.28 -16.14
N VAL C 30 20.44 -20.21 -16.36
CA VAL C 30 21.46 -19.79 -15.39
C VAL C 30 20.79 -19.31 -14.10
N THR C 31 19.57 -18.76 -14.22
CA THR C 31 18.83 -18.34 -13.02
C THR C 31 18.44 -19.54 -12.17
N GLU C 32 18.07 -20.67 -12.81
CA GLU C 32 17.52 -21.81 -12.10
C GLU C 32 18.57 -22.63 -11.36
N GLN C 33 19.84 -22.59 -11.80
CA GLN C 33 20.94 -23.16 -11.03
C GLN C 33 21.07 -22.45 -9.68
N GLY C 34 20.16 -21.52 -9.39
CA GLY C 34 20.01 -20.97 -8.05
C GLY C 34 21.12 -20.05 -7.58
N HIS C 35 22.32 -20.24 -8.12
CA HIS C 35 23.41 -19.31 -7.85
C HIS C 35 22.94 -17.87 -8.16
N GLU C 36 23.02 -16.97 -7.17
CA GLU C 36 22.65 -15.56 -7.33
C GLU C 36 23.54 -14.90 -8.39
N LEU C 37 23.07 -13.78 -8.96
CA LEU C 37 23.52 -13.34 -10.27
C LEU C 37 24.44 -12.12 -10.24
N SER C 38 25.44 -12.15 -11.12
CA SER C 38 26.29 -10.98 -11.34
C SER C 38 25.40 -9.78 -11.62
N ASN C 39 25.97 -8.59 -11.67
CA ASN C 39 25.23 -7.52 -12.31
C ASN C 39 25.18 -7.76 -13.82
N GLU C 40 26.22 -8.36 -14.38
CA GLU C 40 26.22 -8.65 -15.79
C GLU C 40 25.08 -9.60 -16.15
N GLU C 41 24.86 -10.62 -15.32
CA GLU C 41 23.87 -11.67 -15.58
C GLU C 41 22.46 -11.16 -15.41
N ARG C 42 22.20 -10.50 -14.29
CA ARG C 42 20.93 -9.83 -14.03
C ARG C 42 20.51 -8.94 -15.20
N ASN C 43 21.47 -8.22 -15.79
CA ASN C 43 21.14 -7.32 -16.89
C ASN C 43 20.87 -8.08 -18.20
N LEU C 44 21.65 -9.09 -18.53
CA LEU C 44 21.33 -9.92 -19.69
C LEU C 44 19.94 -10.56 -19.55
N LEU C 45 19.60 -11.00 -18.33
CA LEU C 45 18.27 -11.52 -18.02
C LEU C 45 17.19 -10.47 -18.32
N SER C 46 17.35 -9.29 -17.73
CA SER C 46 16.37 -8.23 -17.88
C SER C 46 16.22 -7.84 -19.33
N VAL C 47 17.35 -7.73 -20.04
CA VAL C 47 17.30 -7.32 -21.43
C VAL C 47 16.55 -8.38 -22.25
N ALA C 48 16.85 -9.65 -21.99
CA ALA C 48 16.29 -10.73 -22.79
C ALA C 48 14.79 -10.70 -22.74
N TYR C 49 14.25 -10.60 -21.54
CA TYR C 49 12.81 -10.69 -21.34
C TYR C 49 12.12 -9.41 -21.71
N LYS C 50 12.76 -8.25 -21.51
CA LYS C 50 12.16 -7.01 -21.98
C LYS C 50 11.95 -7.04 -23.49
N ASN C 51 12.89 -7.61 -24.24
CA ASN C 51 12.69 -7.72 -25.67
C ASN C 51 11.66 -8.82 -26.03
N VAL C 52 11.68 -9.91 -25.29
CA VAL C 52 10.73 -11.03 -25.57
C VAL C 52 9.31 -10.57 -25.31
N VAL C 53 9.08 -10.00 -24.14
CA VAL C 53 7.80 -9.43 -23.82
C VAL C 53 7.47 -8.27 -24.74
N GLY C 54 8.47 -7.43 -25.05
CA GLY C 54 8.22 -6.23 -25.85
C GLY C 54 7.72 -6.54 -27.24
N ALA C 55 8.24 -7.61 -27.85
CA ALA C 55 7.76 -8.01 -29.15
C ALA C 55 6.26 -8.32 -29.11
N ARG C 56 5.81 -9.03 -28.05
CA ARG C 56 4.41 -9.47 -28.00
C ARG C 56 3.50 -8.30 -27.65
N ARG C 57 3.97 -7.40 -26.78
CA ARG C 57 3.20 -6.20 -26.49
C ARG C 57 3.05 -5.35 -27.74
N SER C 58 4.14 -5.18 -28.52
CA SER C 58 4.03 -4.38 -29.73
C SER C 58 3.02 -5.02 -30.71
N SER C 59 3.09 -6.35 -30.86
CA SER C 59 2.21 -7.10 -31.74
C SER C 59 0.75 -7.03 -31.28
N TRP C 60 0.54 -7.13 -29.97
CA TRP C 60 -0.81 -6.99 -29.41
C TRP C 60 -1.41 -5.63 -29.68
N ARG C 61 -0.60 -4.57 -29.56
CA ARG C 61 -1.09 -3.23 -29.84
C ARG C 61 -1.39 -3.05 -31.33
N VAL C 62 -0.54 -3.60 -32.18
CA VAL C 62 -0.86 -3.60 -33.60
C VAL C 62 -2.19 -4.30 -33.84
N ILE C 63 -2.33 -5.53 -33.33
CA ILE C 63 -3.56 -6.26 -33.62
C ILE C 63 -4.77 -5.58 -32.97
N SER C 64 -4.59 -5.03 -31.77
CA SER C 64 -5.66 -4.25 -31.16
C SER C 64 -6.06 -3.06 -32.04
N SER C 65 -5.07 -2.27 -32.46
CA SER C 65 -5.41 -1.11 -33.26
C SER C 65 -6.26 -1.52 -34.45
N ILE C 66 -5.96 -2.68 -35.04
CA ILE C 66 -6.65 -3.11 -36.25
C ILE C 66 -8.09 -3.53 -35.93
N GLU C 67 -8.30 -4.16 -34.76
CA GLU C 67 -9.64 -4.55 -34.37
C GLU C 67 -10.55 -3.33 -34.29
N GLN C 68 -9.95 -2.16 -34.06
CA GLN C 68 -10.66 -0.88 -34.10
C GLN C 68 -10.68 -0.31 -35.53
N LYS C 69 -11.20 -1.12 -36.45
CA LYS C 69 -11.27 -0.70 -37.85
C LYS C 69 -12.71 -0.69 -38.35
N ASN C 73 -18.19 -7.42 -40.25
CA ASN C 73 -17.90 -8.83 -40.52
C ASN C 73 -17.86 -9.55 -39.17
N GLU C 74 -18.85 -10.41 -38.88
CA GLU C 74 -18.87 -11.04 -37.55
C GLU C 74 -17.66 -11.95 -37.37
N LYS C 75 -17.21 -12.62 -38.44
CA LYS C 75 -16.07 -13.53 -38.30
C LYS C 75 -14.73 -12.89 -38.66
N LYS C 76 -14.69 -11.84 -39.50
CA LYS C 76 -13.42 -11.13 -39.67
C LYS C 76 -12.90 -10.64 -38.33
N GLN C 77 -13.71 -9.83 -37.64
CA GLN C 77 -13.37 -9.44 -36.27
C GLN C 77 -13.24 -10.64 -35.35
N GLN C 78 -13.89 -11.76 -35.66
CA GLN C 78 -13.64 -12.94 -34.85
C GLN C 78 -12.18 -13.38 -34.98
N MET C 79 -11.50 -12.91 -35.99
CA MET C 79 -10.12 -13.34 -36.09
C MET C 79 -9.09 -12.44 -35.48
N GLY C 80 -9.28 -11.15 -35.65
CA GLY C 80 -8.57 -10.18 -34.87
C GLY C 80 -8.67 -10.64 -33.44
N LYS C 81 -9.84 -11.13 -33.00
CA LYS C 81 -9.99 -11.52 -31.60
C LYS C 81 -9.22 -12.79 -31.29
N GLU C 82 -9.30 -13.80 -32.18
CA GLU C 82 -8.57 -15.04 -31.96
C GLU C 82 -7.04 -14.83 -32.05
N TYR C 83 -6.56 -14.00 -33.00
CA TYR C 83 -5.12 -13.78 -33.14
C TYR C 83 -4.60 -13.00 -31.94
N ARG C 84 -5.24 -11.88 -31.63
CA ARG C 84 -4.87 -11.12 -30.43
C ARG C 84 -4.82 -12.03 -29.21
N GLU C 85 -5.81 -12.89 -29.05
CA GLU C 85 -5.78 -13.75 -27.88
C GLU C 85 -4.64 -14.77 -27.93
N LYS C 86 -4.24 -15.20 -29.11
CA LYS C 86 -3.01 -15.98 -29.21
C LYS C 86 -1.81 -15.20 -28.66
N ILE C 87 -1.68 -13.95 -29.07
CA ILE C 87 -0.59 -13.09 -28.58
C ILE C 87 -0.73 -12.89 -27.09
N GLU C 88 -1.95 -12.53 -26.64
CA GLU C 88 -2.22 -12.34 -25.21
C GLU C 88 -1.74 -13.53 -24.41
N ALA C 89 -2.01 -14.74 -24.92
CA ALA C 89 -1.60 -15.94 -24.18
C ALA C 89 -0.09 -16.03 -24.12
N GLU C 90 0.58 -15.87 -25.27
CA GLU C 90 2.04 -15.80 -25.26
C GLU C 90 2.54 -14.82 -24.21
N LEU C 91 1.95 -13.64 -24.19
CA LEU C 91 2.40 -12.58 -23.28
C LEU C 91 2.14 -12.97 -21.82
N GLN C 92 1.05 -13.68 -21.54
CA GLN C 92 0.85 -14.06 -20.15
C GLN C 92 1.79 -15.17 -19.73
N ASP C 93 2.10 -16.10 -20.65
CA ASP C 93 3.11 -17.12 -20.38
C ASP C 93 4.47 -16.50 -20.07
N ILE C 94 4.93 -15.56 -20.91
CA ILE C 94 6.25 -14.92 -20.69
C ILE C 94 6.31 -14.29 -19.31
N CYS C 95 5.30 -13.49 -19.01
CA CYS C 95 5.22 -12.77 -17.75
C CYS C 95 5.20 -13.72 -16.57
N ASN C 96 4.42 -14.82 -16.67
CA ASN C 96 4.40 -15.81 -15.59
C ASN C 96 5.74 -16.52 -15.48
N ASP C 97 6.41 -16.85 -16.59
CA ASP C 97 7.74 -17.44 -16.43
C ASP C 97 8.68 -16.48 -15.68
N VAL C 98 8.63 -15.18 -16.00
CA VAL C 98 9.52 -14.22 -15.31
C VAL C 98 9.08 -14.01 -13.86
N LEU C 99 7.77 -13.85 -13.63
CA LEU C 99 7.24 -13.80 -12.27
C LEU C 99 7.66 -15.03 -11.47
N GLU C 100 7.64 -16.23 -12.09
CA GLU C 100 8.06 -17.44 -11.39
C GLU C 100 9.49 -17.27 -10.90
N LEU C 101 10.41 -16.98 -11.82
CA LEU C 101 11.81 -16.83 -11.44
C LEU C 101 12.02 -15.77 -10.38
N LEU C 102 11.26 -14.68 -10.45
CA LEU C 102 11.46 -13.61 -9.48
C LEU C 102 11.11 -14.05 -8.07
N ASP C 103 9.94 -14.68 -7.90
CA ASP C 103 9.48 -15.14 -6.61
C ASP C 103 10.22 -16.37 -6.10
N LYS C 104 10.63 -17.28 -6.97
CA LYS C 104 11.34 -18.47 -6.49
C LYS C 104 12.84 -18.28 -6.35
N TYR C 105 13.45 -17.41 -7.15
CA TYR C 105 14.91 -17.40 -7.19
C TYR C 105 15.53 -16.05 -6.93
N LEU C 106 15.09 -15.00 -7.64
CA LEU C 106 15.86 -13.75 -7.59
C LEU C 106 15.55 -12.93 -6.34
N ILE C 107 14.27 -12.66 -6.06
CA ILE C 107 13.92 -11.94 -4.83
C ILE C 107 14.40 -12.71 -3.62
N PRO C 108 14.09 -14.02 -3.46
CA PRO C 108 14.58 -14.76 -2.30
C PRO C 108 16.07 -14.68 -2.02
N ASN C 109 16.94 -14.49 -3.02
CA ASN C 109 18.38 -14.37 -2.74
C ASN C 109 18.87 -12.93 -2.77
N ALA C 110 18.00 -11.97 -3.08
CA ALA C 110 18.37 -10.56 -3.19
C ALA C 110 19.02 -10.10 -1.89
N THR C 111 20.34 -10.18 -1.79
CA THR C 111 21.03 -9.84 -0.56
C THR C 111 21.08 -8.33 -0.37
N GLN C 112 21.81 -7.61 -1.26
CA GLN C 112 22.06 -6.18 -1.15
C GLN C 112 20.88 -5.37 -1.70
N PRO C 113 20.65 -4.16 -1.16
CA PRO C 113 19.44 -3.40 -1.53
C PRO C 113 19.34 -3.04 -3.01
N GLU C 114 20.46 -2.83 -3.71
CA GLU C 114 20.44 -2.66 -5.16
C GLU C 114 19.57 -3.74 -5.80
N SER C 115 19.84 -4.99 -5.45
CA SER C 115 19.26 -6.14 -6.14
C SER C 115 17.78 -6.26 -5.84
N LYS C 116 17.44 -6.21 -4.54
CA LYS C 116 16.04 -6.22 -4.10
C LYS C 116 15.19 -5.19 -4.86
N VAL C 117 15.69 -3.97 -4.99
CA VAL C 117 14.97 -2.93 -5.72
C VAL C 117 14.81 -3.31 -7.19
N PHE C 118 15.89 -3.83 -7.79
CA PHE C 118 15.87 -4.18 -9.21
C PHE C 118 14.77 -5.19 -9.49
N TYR C 119 14.80 -6.31 -8.76
CA TYR C 119 13.86 -7.41 -9.00
C TYR C 119 12.45 -7.06 -8.57
N LEU C 120 12.29 -6.18 -7.59
CA LEU C 120 10.95 -5.75 -7.21
C LEU C 120 10.34 -4.88 -8.30
N LYS C 121 11.17 -4.02 -8.93
CA LYS C 121 10.76 -3.28 -10.13
C LYS C 121 10.32 -4.23 -11.24
N MET C 122 11.11 -5.27 -11.50
CA MET C 122 10.76 -6.21 -12.55
C MET C 122 9.39 -6.81 -12.28
N LYS C 123 9.14 -7.14 -11.00
CA LYS C 123 7.86 -7.69 -10.59
C LYS C 123 6.74 -6.70 -10.85
N GLY C 124 6.97 -5.44 -10.55
CA GLY C 124 6.02 -4.41 -10.93
C GLY C 124 5.89 -4.32 -12.43
N ASP C 125 7.00 -4.43 -13.15
CA ASP C 125 6.96 -4.31 -14.60
C ASP C 125 6.10 -5.42 -15.22
N TYR C 126 6.33 -6.66 -14.79
CA TYR C 126 5.71 -7.79 -15.47
C TYR C 126 4.28 -8.00 -15.02
N PHE C 127 3.94 -7.68 -13.76
CA PHE C 127 2.53 -7.51 -13.43
C PHE C 127 1.96 -6.30 -14.17
N ARG C 128 2.77 -5.26 -14.45
CA ARG C 128 2.21 -4.17 -15.23
C ARG C 128 1.75 -4.67 -16.59
N TYR C 129 2.60 -5.48 -17.25
CA TYR C 129 2.30 -5.92 -18.61
C TYR C 129 1.12 -6.90 -18.61
N LEU C 130 1.02 -7.77 -17.60
CA LEU C 130 -0.20 -8.59 -17.49
C LEU C 130 -1.44 -7.70 -17.36
N SER C 131 -1.36 -6.68 -16.49
CA SER C 131 -2.53 -5.81 -16.29
C SER C 131 -3.01 -5.22 -17.60
N GLU C 132 -2.10 -4.95 -18.53
CA GLU C 132 -2.47 -4.22 -19.75
C GLU C 132 -3.40 -5.02 -20.68
N VAL C 133 -3.50 -6.34 -20.49
CA VAL C 133 -4.34 -7.19 -21.31
C VAL C 133 -5.22 -8.05 -20.40
N ALA C 134 -5.18 -7.78 -19.09
CA ALA C 134 -5.77 -8.67 -18.08
C ALA C 134 -7.28 -8.56 -18.06
N SER C 135 -7.92 -9.66 -17.68
CA SER C 135 -9.30 -9.96 -18.03
C SER C 135 -10.29 -9.57 -16.93
N GLY C 136 -10.14 -8.40 -16.30
CA GLY C 136 -11.13 -7.92 -15.35
C GLY C 136 -11.10 -8.66 -14.02
N ASP C 137 -11.17 -9.99 -14.07
CA ASP C 137 -11.01 -10.80 -12.87
C ASP C 137 -9.65 -10.54 -12.27
N ASN C 138 -8.61 -10.94 -13.00
CA ASN C 138 -7.26 -10.69 -12.54
C ASN C 138 -6.96 -9.20 -12.49
N LYS C 139 -7.43 -8.43 -13.46
CA LYS C 139 -6.89 -7.09 -13.64
C LYS C 139 -6.79 -6.32 -12.31
N GLN C 140 -7.73 -6.51 -11.38
CA GLN C 140 -7.58 -5.86 -10.09
C GLN C 140 -6.37 -6.42 -9.33
N THR C 141 -6.12 -7.73 -9.47
CA THR C 141 -5.04 -8.37 -8.72
C THR C 141 -3.66 -8.09 -9.33
N THR C 142 -3.56 -8.03 -10.67
CA THR C 142 -2.28 -7.74 -11.29
C THR C 142 -1.91 -6.27 -11.10
N VAL C 143 -2.90 -5.37 -11.17
CA VAL C 143 -2.68 -3.99 -10.76
C VAL C 143 -2.15 -3.95 -9.32
N SER C 144 -2.88 -4.59 -8.40
CA SER C 144 -2.51 -4.51 -6.99
C SER C 144 -1.16 -5.16 -6.73
N ASN C 145 -0.92 -6.35 -7.28
CA ASN C 145 0.44 -6.89 -7.26
C ASN C 145 1.43 -5.87 -7.84
N SER C 146 1.10 -5.26 -8.98
CA SER C 146 2.03 -4.32 -9.59
C SER C 146 2.33 -3.15 -8.65
N GLN C 147 1.28 -2.44 -8.18
CA GLN C 147 1.53 -1.28 -7.31
C GLN C 147 2.36 -1.69 -6.09
N GLN C 148 2.08 -2.86 -5.53
CA GLN C 148 2.69 -3.25 -4.25
C GLN C 148 4.17 -3.63 -4.41
N ALA C 149 4.48 -4.42 -5.44
CA ALA C 149 5.88 -4.60 -5.82
C ALA C 149 6.57 -3.24 -6.02
N TYR C 150 5.95 -2.34 -6.78
CA TYR C 150 6.56 -1.03 -7.06
C TYR C 150 6.72 -0.22 -5.80
N GLN C 151 5.64 -0.03 -5.03
CA GLN C 151 5.73 0.76 -3.80
C GLN C 151 6.82 0.24 -2.89
N GLU C 152 6.95 -1.08 -2.78
CA GLU C 152 7.95 -1.62 -1.90
C GLU C 152 9.35 -1.34 -2.44
N ALA C 153 9.56 -1.50 -3.74
CA ALA C 153 10.83 -1.06 -4.34
C ALA C 153 11.02 0.44 -4.15
N PHE C 154 9.95 1.22 -4.34
CA PHE C 154 10.00 2.67 -4.09
C PHE C 154 10.52 2.96 -2.67
N GLU C 155 9.91 2.34 -1.67
CA GLU C 155 10.31 2.56 -0.28
C GLU C 155 11.78 2.23 -0.07
N ILE C 156 12.19 1.01 -0.41
CA ILE C 156 13.58 0.63 -0.23
C ILE C 156 14.53 1.60 -0.93
N SER C 157 14.17 2.02 -2.15
CA SER C 157 15.10 2.81 -2.95
C SER C 157 15.24 4.22 -2.39
N LYS C 158 14.16 4.79 -1.87
CA LYS C 158 14.26 6.09 -1.22
C LYS C 158 15.15 6.01 0.03
N LYS C 159 15.08 4.89 0.78
CA LYS C 159 15.83 4.84 2.02
C LYS C 159 17.26 4.38 1.82
N GLU C 160 17.53 3.58 0.79
CA GLU C 160 18.83 2.92 0.68
C GLU C 160 19.62 3.28 -0.56
N MET C 161 19.13 4.16 -1.43
CA MET C 161 19.86 4.49 -2.63
C MET C 161 19.85 6.00 -2.91
N GLN C 162 20.88 6.44 -3.58
CA GLN C 162 21.02 7.83 -3.97
C GLN C 162 19.92 8.22 -4.96
N PRO C 163 19.48 9.49 -4.96
CA PRO C 163 18.57 9.96 -6.02
C PRO C 163 19.12 9.81 -7.43
N THR C 164 20.44 9.64 -7.59
CA THR C 164 21.04 9.53 -8.92
C THR C 164 21.39 8.09 -9.30
N HIS C 165 21.04 7.11 -8.48
CA HIS C 165 21.31 5.72 -8.84
C HIS C 165 20.44 5.36 -10.03
N PRO C 166 20.99 4.79 -11.11
CA PRO C 166 20.14 4.47 -12.26
C PRO C 166 19.01 3.49 -11.92
N ILE C 167 19.20 2.54 -11.01
CA ILE C 167 18.11 1.62 -10.69
C ILE C 167 16.99 2.38 -10.00
N ARG C 168 17.34 3.29 -9.07
CA ARG C 168 16.30 4.06 -8.38
C ARG C 168 15.54 4.89 -9.36
N LEU C 169 16.26 5.51 -10.31
CA LEU C 169 15.61 6.35 -11.33
C LEU C 169 14.76 5.52 -12.29
N GLY C 170 15.27 4.39 -12.80
CA GLY C 170 14.45 3.57 -13.68
C GLY C 170 13.18 3.09 -12.99
N LEU C 171 13.28 2.81 -11.71
CA LEU C 171 12.06 2.42 -10.99
C LEU C 171 11.06 3.56 -10.98
N ALA C 172 11.53 4.78 -10.64
CA ALA C 172 10.62 5.92 -10.62
C ALA C 172 10.02 6.14 -12.01
N LEU C 173 10.82 5.93 -13.05
CA LEU C 173 10.34 6.07 -14.43
C LEU C 173 9.13 5.16 -14.65
N ASN C 174 9.28 3.87 -14.30
CA ASN C 174 8.29 2.84 -14.60
C ASN C 174 7.09 2.91 -13.67
N PHE C 175 7.33 3.26 -12.39
CA PHE C 175 6.24 3.47 -11.44
C PHE C 175 5.36 4.63 -11.88
N SER C 176 5.99 5.75 -12.27
CA SER C 176 5.22 6.87 -12.81
C SER C 176 4.38 6.41 -13.99
N VAL C 177 4.99 5.64 -14.92
CA VAL C 177 4.27 5.09 -16.07
C VAL C 177 3.12 4.21 -15.60
N PHE C 178 3.34 3.43 -14.54
CA PHE C 178 2.29 2.59 -13.97
C PHE C 178 1.10 3.43 -13.49
N TYR C 179 1.36 4.52 -12.77
CA TYR C 179 0.26 5.36 -12.31
C TYR C 179 -0.53 5.86 -13.52
N TYR C 180 0.19 6.36 -14.52
CA TYR C 180 -0.44 7.07 -15.62
C TYR C 180 -1.16 6.14 -16.58
N GLU C 181 -0.61 4.94 -16.82
CA GLU C 181 -1.17 4.09 -17.87
C GLU C 181 -1.96 2.92 -17.32
N ILE C 182 -1.79 2.56 -16.07
CA ILE C 182 -2.57 1.52 -15.43
C ILE C 182 -3.60 2.08 -14.46
N LEU C 183 -3.22 3.04 -13.61
CA LEU C 183 -4.17 3.60 -12.66
C LEU C 183 -4.71 4.99 -13.05
N ASN C 184 -4.71 5.32 -14.35
CA ASN C 184 -5.08 6.65 -14.87
C ASN C 184 -5.11 7.79 -13.85
N SER C 185 -3.94 8.01 -13.23
CA SER C 185 -3.73 9.09 -12.27
C SER C 185 -2.61 9.96 -12.77
N PRO C 186 -2.84 10.72 -13.84
CA PRO C 186 -1.75 11.59 -14.33
C PRO C 186 -1.20 12.51 -13.26
N GLU C 187 -2.06 13.08 -12.42
CA GLU C 187 -1.61 13.90 -11.31
C GLU C 187 -0.57 13.17 -10.45
N LYS C 188 -0.81 11.89 -10.17
CA LYS C 188 0.19 11.12 -9.42
C LYS C 188 1.43 10.85 -10.27
N ALA C 189 1.29 10.09 -11.35
CA ALA C 189 2.41 9.83 -12.25
C ALA C 189 3.27 11.07 -12.48
N CYS C 190 2.64 12.21 -12.78
CA CYS C 190 3.37 13.44 -13.09
C CYS C 190 4.13 13.93 -11.86
N SER C 191 3.50 13.91 -10.70
CA SER C 191 4.17 14.30 -9.48
C SER C 191 5.30 13.34 -9.14
N LEU C 192 5.07 12.03 -9.34
CA LEU C 192 6.14 11.07 -9.09
C LEU C 192 7.32 11.31 -10.03
N ALA C 193 7.06 11.54 -11.31
CA ALA C 193 8.15 11.75 -12.25
C ALA C 193 8.90 13.05 -11.95
N LYS C 194 8.17 14.12 -11.58
CA LYS C 194 8.81 15.40 -11.25
C LYS C 194 9.75 15.24 -10.06
N THR C 195 9.26 14.64 -8.98
CA THR C 195 10.10 14.54 -7.78
C THR C 195 11.36 13.73 -8.06
N ALA C 196 11.25 12.59 -8.76
CA ALA C 196 12.44 11.81 -9.08
C ALA C 196 13.44 12.63 -9.89
N PHE C 197 12.98 13.27 -10.97
CA PHE C 197 13.90 14.12 -11.74
C PHE C 197 14.51 15.19 -10.85
N ASP C 198 13.68 15.84 -10.04
CA ASP C 198 14.15 16.99 -9.25
C ASP C 198 15.14 16.55 -8.19
N GLU C 199 14.89 15.43 -7.48
CA GLU C 199 15.82 15.00 -6.46
C GLU C 199 17.12 14.49 -7.07
N ALA C 200 17.05 13.96 -8.29
CA ALA C 200 18.29 13.54 -8.94
C ALA C 200 19.13 14.73 -9.39
N ILE C 201 18.53 15.70 -10.08
CA ILE C 201 19.32 16.84 -10.54
C ILE C 201 19.88 17.60 -9.36
N ALA C 202 19.15 17.62 -8.25
CA ALA C 202 19.65 18.36 -7.10
C ALA C 202 20.99 17.80 -6.65
N GLU C 203 21.18 16.49 -6.79
CA GLU C 203 22.44 15.84 -6.44
C GLU C 203 23.35 15.60 -7.63
N LEU C 204 23.23 16.42 -8.67
CA LEU C 204 24.18 16.37 -9.77
C LEU C 204 25.49 17.08 -9.47
N ASP C 205 26.24 16.59 -8.51
CA ASP C 205 27.65 16.89 -8.30
C ASP C 205 28.29 15.64 -7.73
N THR C 206 27.46 14.78 -7.08
CA THR C 206 27.85 13.45 -6.65
C THR C 206 27.28 12.32 -7.52
N LEU C 207 26.79 12.63 -8.72
CA LEU C 207 26.38 11.57 -9.61
C LEU C 207 27.62 10.84 -10.09
N ASN C 208 27.68 9.55 -9.79
CA ASN C 208 28.92 8.84 -10.05
C ASN C 208 29.22 8.71 -11.53
N GLU C 209 30.51 8.78 -11.88
CA GLU C 209 30.93 8.68 -13.28
C GLU C 209 30.41 7.39 -13.90
N GLU C 210 30.57 6.28 -13.17
CA GLU C 210 30.12 4.96 -13.61
C GLU C 210 28.67 4.99 -14.10
N SER C 211 27.80 5.72 -13.40
CA SER C 211 26.36 5.79 -13.68
C SER C 211 25.97 6.89 -14.68
N TYR C 212 26.90 7.71 -15.15
CA TYR C 212 26.51 8.97 -15.77
C TYR C 212 25.62 8.77 -17.00
N LYS C 213 26.03 7.91 -17.92
CA LYS C 213 25.23 7.77 -19.13
C LYS C 213 23.82 7.27 -18.83
N ASP C 214 23.70 6.25 -17.98
CA ASP C 214 22.38 5.62 -17.76
C ASP C 214 21.45 6.55 -16.98
N SER C 215 21.97 7.14 -15.90
CA SER C 215 21.14 8.01 -15.05
C SER C 215 20.66 9.22 -15.83
N THR C 216 21.53 9.86 -16.62
CA THR C 216 21.05 11.01 -17.38
C THR C 216 20.07 10.59 -18.47
N LEU C 217 20.27 9.42 -19.11
CA LEU C 217 19.27 8.94 -20.08
C LEU C 217 17.90 8.82 -19.43
N ILE C 218 17.85 8.18 -18.26
CA ILE C 218 16.59 7.97 -17.54
C ILE C 218 16.01 9.30 -17.08
N MET C 219 16.87 10.23 -16.66
CA MET C 219 16.39 11.57 -16.33
C MET C 219 15.80 12.25 -17.57
N GLN C 220 16.42 12.06 -18.74
CA GLN C 220 15.83 12.65 -19.93
C GLN C 220 14.49 12.01 -20.29
N LEU C 221 14.35 10.69 -20.06
CA LEU C 221 13.04 10.05 -20.37
C LEU C 221 11.94 10.50 -19.41
N LEU C 222 12.25 10.63 -18.12
CA LEU C 222 11.29 11.24 -17.19
C LEU C 222 10.81 12.60 -17.71
N ARG C 223 11.76 13.40 -18.21
CA ARG C 223 11.43 14.71 -18.74
C ARG C 223 10.65 14.58 -20.04
N ASP C 224 11.03 13.65 -20.91
CA ASP C 224 10.25 13.35 -22.11
C ASP C 224 8.80 13.04 -21.77
N ASN C 225 8.58 12.18 -20.75
CA ASN C 225 7.23 11.74 -20.43
C ASN C 225 6.44 12.82 -19.68
N LEU C 226 7.11 13.62 -18.84
CA LEU C 226 6.45 14.76 -18.18
C LEU C 226 5.96 15.76 -19.21
N THR C 227 6.81 16.07 -20.20
CA THR C 227 6.42 16.95 -21.30
C THR C 227 5.22 16.41 -22.07
N LEU C 228 5.21 15.11 -22.36
CA LEU C 228 4.17 14.51 -23.19
C LEU C 228 2.85 14.39 -22.43
N TRP C 229 2.92 14.09 -21.15
CA TRP C 229 1.79 14.00 -20.24
C TRP C 229 1.20 15.39 -19.89
N THR C 230 1.50 16.42 -20.67
CA THR C 230 1.05 17.77 -20.37
C THR C 230 0.83 18.51 -21.70
N SER C 231 0.26 17.81 -22.67
CA SER C 231 0.17 18.28 -24.04
C SER C 231 -1.28 18.56 -24.45
N ARG D 1 20.85 6.89 -28.27
CA ARG D 1 20.12 7.60 -27.21
C ARG D 1 18.90 8.30 -27.77
N ASP D 2 19.09 8.95 -28.92
CA ASP D 2 17.95 9.48 -29.66
C ASP D 2 17.02 8.34 -30.05
N LYS D 3 17.58 7.19 -30.42
CA LYS D 3 16.76 6.04 -30.81
C LYS D 3 15.90 5.62 -29.63
N ILE D 4 16.54 5.41 -28.48
CA ILE D 4 15.86 5.00 -27.25
C ILE D 4 14.74 5.95 -26.90
N ARG D 5 15.02 7.26 -26.96
CA ARG D 5 14.09 8.23 -26.43
C ARG D 5 12.88 8.32 -27.33
N LEU D 6 13.11 8.21 -28.63
CA LEU D 6 12.00 8.30 -29.57
C LEU D 6 11.13 7.04 -29.56
N ASN D 7 11.72 5.87 -29.33
CA ASN D 7 10.89 4.65 -29.19
C ASN D 7 10.01 4.73 -27.95
N ASN D 8 10.60 5.22 -26.84
CA ASN D 8 9.83 5.51 -25.65
C ASN D 8 8.67 6.44 -25.95
N ALA D 9 8.94 7.56 -26.61
CA ALA D 9 7.85 8.50 -26.89
C ALA D 9 6.76 7.83 -27.72
N ILE D 10 7.14 7.08 -28.75
CA ILE D 10 6.14 6.39 -29.56
C ILE D 10 5.30 5.45 -28.70
N TRP D 11 5.95 4.76 -27.75
CA TRP D 11 5.29 3.78 -26.87
C TRP D 11 4.32 4.45 -25.89
N ARG D 12 4.78 5.49 -25.19
CA ARG D 12 3.91 6.26 -24.30
C ARG D 12 2.79 6.97 -25.06
N ALA D 13 3.08 7.45 -26.27
CA ALA D 13 2.08 8.11 -27.10
C ALA D 13 0.97 7.16 -27.53
N TRP D 14 1.32 5.92 -27.87
CA TRP D 14 0.29 4.98 -28.29
C TRP D 14 -0.80 4.87 -27.23
N TYR D 15 -0.45 5.11 -25.97
CA TYR D 15 -1.46 4.98 -24.94
C TYR D 15 -2.39 6.20 -24.92
N ILE D 16 -1.82 7.41 -24.91
CA ILE D 16 -2.62 8.62 -24.98
C ILE D 16 -3.53 8.58 -26.21
N GLN D 17 -3.10 7.89 -27.26
CA GLN D 17 -3.91 7.79 -28.47
C GLN D 17 -4.92 6.65 -28.39
N TYR D 18 -4.47 5.41 -28.59
CA TYR D 18 -5.40 4.36 -28.99
C TYR D 18 -6.27 3.86 -27.85
N VAL D 19 -5.99 4.24 -26.62
CA VAL D 19 -6.99 4.12 -25.56
C VAL D 19 -6.89 5.36 -24.67
N GLN D 20 -6.73 6.53 -25.32
CA GLN D 20 -7.02 7.84 -24.73
C GLN D 20 -6.87 7.89 -23.23
#